data_6Z7O
#
_entry.id   6Z7O
#
_cell.length_a   46.090
_cell.length_b   49.312
_cell.length_c   54.283
_cell.angle_alpha   90.000
_cell.angle_beta   90.000
_cell.angle_gamma   90.000
#
_symmetry.space_group_name_H-M   'P 21 21 21'
#
loop_
_entity.id
_entity.type
_entity.pdbx_description
1 polymer Thioredoxin-T
2 non-polymer 'ZINC ION'
3 water water
#
_entity_poly.entity_id   1
_entity_poly.type   'polypeptide(L)'
_entity_poly.pdbx_seq_one_letter_code
;MVYPVRNKDDLDQQLILAEDKLVVIDFYADWCGPCKIIAPKLDELAHEYSDRVVVLKVNVDENEDITVEYNVNSMPTFVF
IKGGNVLELFVGCNSDKLAKLMEKHAGVYTDEAADVKAVHIDGECIVDLTAESSESDNDNNNVNEVSAHDENAVLEH
;
_entity_poly.pdbx_strand_id   A
#
# COMPACT_ATOMS: atom_id res chain seq x y z
N MET A 1 -11.49 3.60 3.87
CA MET A 1 -10.45 4.62 3.68
C MET A 1 -9.00 4.10 4.01
N VAL A 2 -8.03 4.90 3.60
CA VAL A 2 -6.61 4.52 3.56
C VAL A 2 -5.88 5.21 4.72
N TYR A 3 -5.21 4.42 5.55
CA TYR A 3 -4.66 4.93 6.80
C TYR A 3 -3.22 5.42 6.60
N PRO A 4 -2.93 6.70 6.85
CA PRO A 4 -1.53 7.16 6.76
C PRO A 4 -0.65 6.59 7.87
N VAL A 5 0.56 6.24 7.49
CA VAL A 5 1.53 5.70 8.42
C VAL A 5 2.39 6.86 8.90
N ARG A 6 2.54 7.00 10.21
CA ARG A 6 3.40 8.10 10.63
C ARG A 6 4.85 7.65 10.75
N ASN A 7 5.15 6.41 11.14
CA ASN A 7 6.52 5.97 11.28
C ASN A 7 6.53 4.44 11.28
N LYS A 8 7.74 3.88 11.39
CA LYS A 8 7.94 2.44 11.40
C LYS A 8 7.26 1.78 12.59
N ASP A 9 7.19 2.43 13.75
CA ASP A 9 6.53 1.79 14.89
C ASP A 9 5.02 1.78 14.69
N ASP A 10 4.49 2.84 14.08
CA ASP A 10 3.09 2.85 13.69
C ASP A 10 2.79 1.69 12.74
N LEU A 11 3.62 1.50 11.72
CA LEU A 11 3.41 0.47 10.72
C LEU A 11 3.51 -0.92 11.34
N ASP A 12 4.55 -1.14 12.16
CA ASP A 12 4.71 -2.43 12.83
C ASP A 12 3.51 -2.76 13.72
N GLN A 13 2.93 -1.77 14.38
CA GLN A 13 1.72 -2.02 15.15
C GLN A 13 0.57 -2.42 14.21
N GLN A 14 0.37 -1.64 13.14
CA GLN A 14 -0.69 -1.95 12.18
C GLN A 14 -0.55 -3.36 11.62
N LEU A 15 0.67 -3.79 11.30
CA LEU A 15 0.85 -5.15 10.78
C LEU A 15 0.38 -6.22 11.77
N ILE A 16 0.60 -6.00 13.07
CA ILE A 16 0.14 -7.00 14.03
C ILE A 16 -1.37 -6.89 14.26
N LEU A 17 -1.92 -5.68 14.35
CA LEU A 17 -3.36 -5.56 14.57
C LEU A 17 -4.17 -6.08 13.39
N ALA A 18 -3.57 -6.11 12.19
CA ALA A 18 -4.25 -6.62 11.02
C ALA A 18 -4.53 -8.13 11.10
N GLU A 19 -3.84 -8.86 11.96
CA GLU A 19 -4.19 -10.27 12.25
C GLU A 19 -4.00 -11.08 10.97
N ASP A 20 -5.02 -11.85 10.61
CA ASP A 20 -5.07 -12.65 9.40
C ASP A 20 -5.47 -11.85 8.16
N LYS A 21 -5.79 -10.57 8.30
CA LYS A 21 -6.26 -9.82 7.15
C LYS A 21 -5.15 -9.64 6.13
N LEU A 22 -5.55 -9.47 4.87
CA LEU A 22 -4.65 -8.89 3.88
C LEU A 22 -4.32 -7.44 4.24
N VAL A 23 -3.03 -7.11 4.22
CA VAL A 23 -2.54 -5.73 4.32
C VAL A 23 -1.98 -5.31 2.96
N VAL A 24 -2.31 -4.10 2.53
CA VAL A 24 -1.80 -3.48 1.31
C VAL A 24 -1.21 -2.14 1.70
N ILE A 25 0.07 -1.92 1.42
CA ILE A 25 0.72 -0.64 1.71
C ILE A 25 0.99 0.06 0.39
N ASP A 26 0.63 1.35 0.32
CA ASP A 26 0.82 2.18 -0.86
C ASP A 26 1.91 3.22 -0.59
N PHE A 27 3.00 3.14 -1.34
CA PHE A 27 4.10 4.08 -1.24
C PHE A 27 3.88 5.16 -2.28
N TYR A 28 3.83 6.43 -1.84
CA TYR A 28 3.46 7.53 -2.70
C TYR A 28 4.24 8.78 -2.29
N ALA A 29 4.11 9.82 -3.10
CA ALA A 29 4.57 11.15 -2.76
C ALA A 29 3.59 12.14 -3.35
N ASP A 30 3.59 13.36 -2.79
CA ASP A 30 2.73 14.42 -3.32
C ASP A 30 3.16 14.88 -4.71
N TRP A 31 4.42 14.68 -5.08
CA TRP A 31 4.92 15.14 -6.37
C TRP A 31 4.83 14.10 -7.46
N CYS A 32 3.97 13.10 -7.30
CA CYS A 32 3.96 11.93 -8.18
C CYS A 32 2.60 11.88 -8.86
N GLY A 33 2.57 12.21 -10.15
CA GLY A 33 1.36 12.21 -10.94
C GLY A 33 0.59 10.90 -10.95
N PRO A 34 1.25 9.80 -11.29
CA PRO A 34 0.54 8.51 -11.30
C PRO A 34 -0.02 8.12 -9.94
N CYS A 35 0.66 8.48 -8.85
CA CYS A 35 0.13 8.23 -7.51
C CYS A 35 -1.24 8.85 -7.32
N LYS A 36 -1.42 10.08 -7.84
CA LYS A 36 -2.66 10.81 -7.61
C LYS A 36 -3.81 10.24 -8.42
N ILE A 37 -3.51 9.65 -9.59
CA ILE A 37 -4.56 9.13 -10.46
C ILE A 37 -5.20 7.88 -9.86
N ILE A 38 -4.37 6.94 -9.42
CA ILE A 38 -4.86 5.66 -8.89
C ILE A 38 -5.49 5.81 -7.51
N ALA A 39 -5.22 6.90 -6.81
CA ALA A 39 -5.62 7.00 -5.41
C ALA A 39 -7.12 6.86 -5.17
N PRO A 40 -8.02 7.42 -5.99
CA PRO A 40 -9.45 7.20 -5.76
C PRO A 40 -9.86 5.74 -5.82
N LYS A 41 -9.34 5.01 -6.81
CA LYS A 41 -9.67 3.61 -6.93
C LYS A 41 -9.19 2.82 -5.71
N LEU A 42 -8.03 3.20 -5.15
CA LEU A 42 -7.54 2.52 -3.95
C LEU A 42 -8.49 2.75 -2.78
N ASP A 43 -9.00 3.99 -2.64
CA ASP A 43 -9.98 4.27 -1.59
C ASP A 43 -11.30 3.52 -1.82
N GLU A 44 -11.72 3.38 -3.08
CA GLU A 44 -12.93 2.62 -3.39
C GLU A 44 -12.75 1.16 -2.97
N LEU A 45 -11.61 0.57 -3.32
CA LEU A 45 -11.36 -0.82 -2.92
C LEU A 45 -11.31 -0.95 -1.41
N ALA A 46 -10.76 0.04 -0.71
CA ALA A 46 -10.64 -0.06 0.76
C ALA A 46 -12.01 -0.18 1.42
N HIS A 47 -13.01 0.54 0.90
CA HIS A 47 -14.39 0.41 1.37
C HIS A 47 -14.98 -0.94 1.00
N GLU A 48 -14.75 -1.41 -0.23
CA GLU A 48 -15.35 -2.68 -0.64
C GLU A 48 -14.81 -3.85 0.17
N TYR A 49 -13.57 -3.74 0.65
CA TYR A 49 -12.92 -4.85 1.33
C TYR A 49 -12.66 -4.59 2.80
N SER A 50 -13.36 -3.62 3.39
CA SER A 50 -13.06 -3.16 4.74
C SER A 50 -13.08 -4.27 5.79
N ASP A 51 -13.87 -5.34 5.57
CA ASP A 51 -13.89 -6.46 6.52
C ASP A 51 -12.72 -7.43 6.35
N ARG A 52 -12.10 -7.43 5.31
CA ARG A 52 -10.99 -8.30 4.97
C ARG A 52 -9.69 -7.55 4.73
N VAL A 53 -9.50 -6.55 4.37
CA VAL A 53 -8.26 -5.94 3.90
C VAL A 53 -8.03 -4.69 4.73
N VAL A 54 -6.77 -4.49 5.15
CA VAL A 54 -6.32 -3.25 5.74
C VAL A 54 -5.43 -2.54 4.72
N VAL A 55 -5.69 -1.26 4.49
CA VAL A 55 -4.99 -0.48 3.48
C VAL A 55 -4.22 0.64 4.16
N LEU A 56 -2.90 0.60 3.99
CA LEU A 56 -1.97 1.55 4.58
C LEU A 56 -1.28 2.33 3.48
N LYS A 57 -0.83 3.52 3.84
CA LYS A 57 -0.32 4.50 2.89
C LYS A 57 0.90 5.13 3.53
N VAL A 58 2.03 5.04 2.83
CA VAL A 58 3.31 5.51 3.34
C VAL A 58 3.81 6.61 2.41
N ASN A 59 3.95 7.82 2.95
CA ASN A 59 4.51 8.95 2.23
C ASN A 59 6.02 8.83 2.24
N VAL A 60 6.61 8.63 1.06
CA VAL A 60 8.03 8.29 1.02
C VAL A 60 8.90 9.47 1.44
N ASP A 61 8.44 10.71 1.21
CA ASP A 61 9.24 11.86 1.59
C ASP A 61 9.38 12.00 3.09
N GLU A 62 8.43 11.49 3.85
CA GLU A 62 8.64 11.60 5.29
C GLU A 62 8.98 10.25 5.94
N ASN A 63 9.23 9.21 5.15
CA ASN A 63 9.43 7.89 5.69
C ASN A 63 10.53 7.17 4.90
N GLU A 64 11.72 7.78 4.94
CA GLU A 64 12.88 7.16 4.34
C GLU A 64 13.19 5.80 4.96
N ASP A 65 12.91 5.62 6.26
CA ASP A 65 13.24 4.36 6.90
C ASP A 65 12.37 3.23 6.37
N ILE A 66 11.06 3.42 6.32
CA ILE A 66 10.17 2.38 5.82
C ILE A 66 10.45 2.07 4.36
N THR A 67 10.79 3.09 3.56
CA THR A 67 11.05 2.88 2.13
C THR A 67 12.29 2.00 1.92
N VAL A 68 13.34 2.23 2.71
CA VAL A 68 14.56 1.44 2.59
C VAL A 68 14.31 -0.01 3.00
N GLU A 69 13.55 -0.21 4.09
CA GLU A 69 13.26 -1.56 4.57
C GLU A 69 12.45 -2.38 3.57
N TYR A 70 11.59 -1.75 2.77
CA TYR A 70 10.80 -2.47 1.77
C TYR A 70 11.42 -2.40 0.39
N ASN A 71 12.63 -1.84 0.28
CA ASN A 71 13.36 -1.73 -0.98
C ASN A 71 12.57 -0.96 -2.05
N VAL A 72 11.75 0.01 -1.63
CA VAL A 72 10.95 0.76 -2.59
C VAL A 72 11.88 1.62 -3.42
N ASN A 73 11.80 1.45 -4.75
CA ASN A 73 12.59 2.24 -5.70
C ASN A 73 11.76 3.05 -6.70
N SER A 74 10.46 2.82 -6.78
CA SER A 74 9.61 3.46 -7.78
C SER A 74 8.23 3.73 -7.19
N MET A 75 7.43 4.53 -7.92
CA MET A 75 6.08 4.85 -7.48
C MET A 75 5.11 4.88 -8.66
N PRO A 76 3.87 4.43 -8.45
CA PRO A 76 3.47 3.83 -7.16
C PRO A 76 3.96 2.38 -6.96
N THR A 77 4.09 1.98 -5.69
CA THR A 77 4.43 0.61 -5.33
C THR A 77 3.42 0.14 -4.29
N PHE A 78 2.84 -1.04 -4.50
CA PHE A 78 1.91 -1.64 -3.54
C PHE A 78 2.50 -2.94 -3.04
N VAL A 79 2.73 -3.03 -1.74
CA VAL A 79 3.18 -4.26 -1.12
C VAL A 79 1.96 -4.95 -0.54
N PHE A 80 1.75 -6.23 -0.90
CA PHE A 80 0.68 -7.07 -0.37
C PHE A 80 1.25 -7.99 0.73
N ILE A 81 0.69 -7.89 1.94
CA ILE A 81 1.23 -8.56 3.12
C ILE A 81 0.12 -9.33 3.82
N LYS A 82 0.46 -10.50 4.35
CA LYS A 82 -0.44 -11.28 5.18
C LYS A 82 0.38 -11.98 6.25
N GLY A 83 0.16 -11.65 7.51
CA GLY A 83 0.91 -12.21 8.62
C GLY A 83 2.31 -11.71 8.78
N GLY A 84 2.58 -10.46 8.43
CA GLY A 84 3.97 -10.00 8.40
C GLY A 84 4.79 -10.52 7.24
N ASN A 85 4.24 -11.41 6.42
CA ASN A 85 4.94 -11.90 5.24
C ASN A 85 4.56 -11.08 4.02
N VAL A 86 5.59 -10.70 3.27
CA VAL A 86 5.38 -10.04 1.98
C VAL A 86 5.03 -11.12 0.97
N LEU A 87 3.77 -11.14 0.51
CA LEU A 87 3.39 -12.08 -0.55
C LEU A 87 3.86 -11.63 -1.93
N GLU A 88 3.61 -10.37 -2.28
CA GLU A 88 3.77 -9.86 -3.64
C GLU A 88 4.04 -8.36 -3.61
N LEU A 89 4.82 -7.91 -4.58
CA LEU A 89 5.16 -6.51 -4.76
C LEU A 89 4.69 -6.08 -6.14
N PHE A 90 4.11 -4.89 -6.25
CA PHE A 90 3.48 -4.49 -7.50
C PHE A 90 3.76 -3.02 -7.76
N VAL A 91 4.47 -2.73 -8.85
CA VAL A 91 4.81 -1.36 -9.25
C VAL A 91 3.98 -0.98 -10.46
N GLY A 92 3.50 0.25 -10.49
CA GLY A 92 2.88 0.76 -11.69
C GLY A 92 1.51 1.34 -11.40
N CYS A 93 0.80 1.65 -12.49
CA CYS A 93 -0.39 2.48 -12.46
C CYS A 93 -1.64 1.77 -12.98
N ASN A 94 -1.57 0.46 -13.24
CA ASN A 94 -2.75 -0.28 -13.71
C ASN A 94 -3.69 -0.51 -12.54
N SER A 95 -4.77 0.27 -12.48
CA SER A 95 -5.73 0.13 -11.38
C SER A 95 -6.64 -1.07 -11.55
N ASP A 96 -6.72 -1.63 -12.75
CA ASP A 96 -7.48 -2.84 -12.95
C ASP A 96 -6.76 -4.05 -12.35
N LYS A 97 -5.43 -4.13 -12.55
CA LYS A 97 -4.63 -5.15 -11.88
C LYS A 97 -4.64 -4.96 -10.36
N LEU A 98 -4.60 -3.72 -9.88
CA LEU A 98 -4.63 -3.49 -8.45
C LEU A 98 -5.89 -4.07 -7.83
N ALA A 99 -7.05 -3.75 -8.43
CA ALA A 99 -8.31 -4.32 -7.97
C ALA A 99 -8.31 -5.85 -8.08
N LYS A 100 -7.77 -6.39 -9.17
CA LYS A 100 -7.69 -7.84 -9.28
C LYS A 100 -6.76 -8.45 -8.22
N LEU A 101 -5.56 -7.89 -8.04
CA LEU A 101 -4.65 -8.41 -7.02
C LEU A 101 -5.29 -8.37 -5.63
N MET A 102 -6.03 -7.30 -5.33
CA MET A 102 -6.75 -7.26 -4.07
C MET A 102 -7.79 -8.38 -3.95
N GLU A 103 -8.50 -8.70 -5.04
CA GLU A 103 -9.49 -9.75 -4.81
C GLU A 103 -8.85 -11.14 -4.76
N LYS A 104 -7.75 -11.41 -5.46
CA LYS A 104 -7.09 -12.72 -5.40
C LYS A 104 -6.46 -13.03 -4.05
N HIS A 105 -6.15 -12.01 -3.23
CA HIS A 105 -5.44 -12.20 -1.97
C HIS A 105 -6.30 -11.89 -0.77
N ALA A 106 -7.59 -11.65 -0.95
CA ALA A 106 -8.49 -11.35 0.16
C ALA A 106 -9.02 -12.63 0.79
N CYS A 125 3.72 6.97 -15.83
CA CYS A 125 3.22 5.76 -15.20
C CYS A 125 4.02 5.33 -13.96
N ILE A 126 5.34 5.47 -14.08
CA ILE A 126 6.24 4.96 -13.04
C ILE A 126 7.37 5.95 -12.80
N VAL A 127 7.30 6.68 -11.69
CA VAL A 127 8.25 7.75 -11.41
C VAL A 127 9.33 7.24 -10.47
N ASP A 128 10.42 8.01 -10.37
CA ASP A 128 11.59 7.71 -9.50
C ASP A 128 12.23 6.40 -9.94
#